data_5LWO
#
_entry.id   5LWO
#
_cell.length_a   60.170
_cell.length_b   60.170
_cell.length_c   97.720
_cell.angle_alpha   90.00
_cell.angle_beta   90.00
_cell.angle_gamma   120.00
#
_symmetry.space_group_name_H-M   'P 32 2 1'
#
loop_
_entity.id
_entity.type
_entity.pdbx_description
1 polymer Endolysin
2 non-polymer '[2,2,5,5-tetramethyl-3,4-bis(sulfanylmethyl)-2,5-dihydro-1H-pyrrol-1-yl]oxidanyl radical'
3 non-polymer 'CHLORIDE ION'
4 non-polymer '2-HYDROXYETHYL DISULFIDE'
5 non-polymer 'PHOSPHATE ION'
6 non-polymer BETA-MERCAPTOETHANOL
7 non-polymer 'POTASSIUM ION'
8 water water
#
_entity_poly.entity_id   1
_entity_poly.type   'polypeptide(L)'
_entity_poly.pdbx_seq_one_letter_code
;MNIFEMLRIDEGLRLKIYKDTEGYYTIGIGHLLTKSPSLNAAKSELDKAIGRNTNGVITKDEAEKLFNQDVDAAVRGILR
NAKLKPVYDSLDAVRRAALINMVFQMGETGVAGFCNSLCMLQQKRWDEAAVNLAKSRWYNQTPNRAKRVITTFRTGTWDA
YKNL
;
_entity_poly.pdbx_strand_id   A
#
# COMPACT_ATOMS: atom_id res chain seq x y z
N MET A 1 -5.91 -11.80 10.73
CA MET A 1 -5.53 -10.79 9.75
CA MET A 1 -5.56 -10.72 9.77
C MET A 1 -4.57 -9.79 10.41
N ASN A 2 -3.69 -9.20 9.63
CA ASN A 2 -2.75 -8.16 10.03
C ASN A 2 -2.33 -7.46 8.73
N ILE A 3 -1.51 -6.41 8.88
CA ILE A 3 -1.13 -5.61 7.72
C ILE A 3 -0.41 -6.44 6.66
N PHE A 4 0.43 -7.40 7.06
CA PHE A 4 1.10 -8.22 6.06
C PHE A 4 0.11 -9.04 5.26
N GLU A 5 -0.79 -9.74 5.94
N GLU A 5 -0.82 -9.72 5.93
CA GLU A 5 -1.80 -10.53 5.24
CA GLU A 5 -1.79 -10.54 5.22
C GLU A 5 -2.69 -9.66 4.36
C GLU A 5 -2.79 -9.71 4.42
N MET A 6 -3.06 -8.49 4.86
CA MET A 6 -3.94 -7.57 4.15
C MET A 6 -3.31 -7.12 2.86
N LEU A 7 -2.08 -6.63 2.93
CA LEU A 7 -1.38 -6.20 1.73
C LEU A 7 -1.06 -7.36 0.80
N ARG A 8 -0.80 -8.54 1.33
CA ARG A 8 -0.62 -9.71 0.48
C ARG A 8 -1.87 -9.98 -0.37
N ILE A 9 -3.05 -9.83 0.21
CA ILE A 9 -4.30 -9.95 -0.54
C ILE A 9 -4.38 -8.86 -1.59
N ASP A 10 -4.16 -7.62 -1.19
CA ASP A 10 -4.40 -6.51 -2.10
C ASP A 10 -3.36 -6.41 -3.21
N GLU A 11 -2.13 -6.84 -2.96
CA GLU A 11 -1.04 -6.68 -3.91
C GLU A 11 -0.72 -7.93 -4.71
N GLY A 12 -1.10 -9.11 -4.22
CA GLY A 12 -0.73 -10.35 -4.86
C GLY A 12 0.73 -10.71 -4.65
N LEU A 13 1.15 -11.76 -5.33
CA LEU A 13 2.55 -12.21 -5.31
C LEU A 13 2.94 -12.71 -6.68
N ARG A 14 3.93 -12.07 -7.29
CA ARG A 14 4.41 -12.45 -8.62
C ARG A 14 5.94 -12.44 -8.56
N LEU A 15 6.58 -13.47 -9.11
CA LEU A 15 8.03 -13.64 -8.99
C LEU A 15 8.79 -13.14 -10.21
N LYS A 16 8.09 -12.68 -11.23
CA LYS A 16 8.69 -12.08 -12.42
C LYS A 16 8.21 -10.64 -12.53
N ILE A 17 9.00 -9.79 -13.17
CA ILE A 17 8.59 -8.40 -13.36
C ILE A 17 7.25 -8.35 -14.07
N TYR A 18 6.36 -7.51 -13.54
N TYR A 18 6.37 -7.52 -13.58
CA TYR A 18 5.00 -7.31 -14.06
CA TYR A 18 5.08 -7.30 -14.23
C TYR A 18 4.65 -5.83 -13.97
C TYR A 18 4.75 -5.82 -14.12
N LYS A 19 3.67 -5.39 -14.78
CA LYS A 19 3.20 -4.02 -14.69
C LYS A 19 2.03 -3.95 -13.70
N ASP A 20 2.09 -2.97 -12.80
CA ASP A 20 1.04 -2.72 -11.82
C ASP A 20 -0.18 -2.09 -12.49
N THR A 21 -1.14 -1.67 -11.67
CA THR A 21 -2.40 -1.14 -12.18
C THR A 21 -2.20 0.18 -12.91
N GLU A 22 -1.09 0.87 -12.67
CA GLU A 22 -0.75 2.12 -13.32
C GLU A 22 0.20 1.94 -14.50
N GLY A 23 0.53 0.71 -14.84
CA GLY A 23 1.46 0.41 -15.91
C GLY A 23 2.92 0.39 -15.56
N TYR A 24 3.28 0.41 -14.28
CA TYR A 24 4.67 0.52 -13.85
C TYR A 24 5.27 -0.82 -13.43
N TYR A 25 6.52 -1.04 -13.84
CA TYR A 25 7.23 -2.27 -13.53
C TYR A 25 7.39 -2.47 -12.03
N THR A 26 6.99 -3.67 -11.60
CA THR A 26 6.83 -4.08 -10.21
C THR A 26 7.24 -5.54 -10.10
N ILE A 27 7.53 -5.98 -8.89
CA ILE A 27 7.75 -7.41 -8.66
C ILE A 27 7.31 -7.75 -7.25
N GLY A 28 7.18 -9.04 -6.99
CA GLY A 28 6.95 -9.51 -5.66
C GLY A 28 5.56 -9.19 -5.16
N ILE A 29 5.45 -8.62 -3.96
CA ILE A 29 4.20 -8.21 -3.32
C ILE A 29 4.13 -6.70 -3.47
N GLY A 30 3.83 -6.23 -4.68
CA GLY A 30 3.68 -4.81 -4.91
C GLY A 30 4.93 -3.98 -4.70
N HIS A 31 6.11 -4.54 -4.99
CA HIS A 31 7.33 -3.75 -4.89
C HIS A 31 7.56 -3.00 -6.19
N LEU A 32 7.24 -1.70 -6.20
CA LEU A 32 7.46 -0.87 -7.39
C LEU A 32 8.95 -0.78 -7.67
N LEU A 33 9.35 -1.06 -8.92
CA LEU A 33 10.75 -0.97 -9.29
C LEU A 33 11.11 0.41 -9.81
N THR A 34 10.27 0.95 -10.71
CA THR A 34 10.58 2.21 -11.36
C THR A 34 9.32 2.66 -12.08
N LYS A 35 9.21 3.95 -12.31
CA LYS A 35 8.20 4.47 -13.21
C LYS A 35 8.70 4.60 -14.64
N SER A 36 9.96 4.26 -14.91
CA SER A 36 10.51 4.35 -16.26
C SER A 36 9.84 3.31 -17.17
N PRO A 37 9.56 3.65 -18.44
CA PRO A 37 9.04 2.65 -19.39
CA PRO A 37 9.04 2.65 -19.39
C PRO A 37 10.07 1.64 -19.85
N SER A 38 11.32 1.73 -19.38
CA SER A 38 12.38 0.83 -19.80
C SER A 38 12.44 -0.42 -18.93
N LEU A 39 12.22 -1.57 -19.54
CA LEU A 39 12.35 -2.82 -18.80
C LEU A 39 13.79 -3.01 -18.30
N ASN A 40 14.78 -2.62 -19.09
CA ASN A 40 16.15 -2.75 -18.62
CA ASN A 40 16.17 -2.69 -18.66
C ASN A 40 16.39 -1.89 -17.39
N ALA A 41 15.80 -0.69 -17.32
CA ALA A 41 15.91 0.11 -16.10
C ALA A 41 15.29 -0.58 -14.91
N ALA A 42 14.13 -1.23 -15.12
CA ALA A 42 13.50 -1.99 -14.05
C ALA A 42 14.34 -3.17 -13.61
N LYS A 43 14.95 -3.89 -14.56
CA LYS A 43 15.83 -5.02 -14.22
C LYS A 43 17.04 -4.55 -13.41
N SER A 44 17.60 -3.40 -13.76
N SER A 44 17.60 -3.38 -13.74
CA SER A 44 18.70 -2.84 -12.99
CA SER A 44 18.73 -2.89 -12.96
C SER A 44 18.26 -2.53 -11.56
C SER A 44 18.30 -2.46 -11.56
N GLU A 45 17.10 -1.88 -11.40
CA GLU A 45 16.59 -1.59 -10.06
CA GLU A 45 16.60 -1.58 -10.06
C GLU A 45 16.40 -2.87 -9.28
N LEU A 46 15.89 -3.91 -9.92
CA LEU A 46 15.67 -5.18 -9.23
C LEU A 46 16.98 -5.77 -8.73
N ASP A 47 17.99 -5.82 -9.59
CA ASP A 47 19.28 -6.39 -9.18
C ASP A 47 19.86 -5.62 -8.00
N LYS A 48 19.75 -4.28 -8.02
CA LYS A 48 20.21 -3.42 -6.91
C LYS A 48 19.45 -3.73 -5.63
N ALA A 49 18.13 -3.95 -5.74
CA ALA A 49 17.30 -4.24 -4.58
C ALA A 49 17.60 -5.58 -3.94
N ILE A 50 17.90 -6.59 -4.77
CA ILE A 50 18.09 -7.94 -4.27
C ILE A 50 19.56 -8.24 -3.98
N GLY A 51 20.49 -7.56 -4.64
CA GLY A 51 21.92 -7.78 -4.43
C GLY A 51 22.55 -8.85 -5.30
N ARG A 52 21.90 -9.23 -6.41
CA ARG A 52 22.48 -10.18 -7.33
C ARG A 52 21.91 -9.92 -8.71
N ASN A 53 22.47 -10.59 -9.71
CA ASN A 53 21.97 -10.49 -11.07
CA ASN A 53 21.98 -10.50 -11.08
C ASN A 53 20.79 -11.45 -11.21
N THR A 54 19.57 -10.89 -11.19
CA THR A 54 18.36 -11.73 -11.14
C THR A 54 17.76 -12.06 -12.50
N ASN A 55 18.05 -11.17 -13.50
N ASN A 55 18.24 -11.50 -13.60
CA ASN A 55 17.42 -11.06 -14.84
CA ASN A 55 17.68 -11.97 -14.86
C ASN A 55 15.89 -10.97 -14.79
C ASN A 55 16.16 -11.87 -14.84
N GLY A 56 15.34 -10.35 -13.75
N GLY A 56 15.62 -10.96 -14.01
CA GLY A 56 13.92 -10.16 -13.67
CA GLY A 56 14.21 -10.57 -14.06
C GLY A 56 13.14 -11.23 -12.92
C GLY A 56 13.28 -11.40 -13.22
N VAL A 57 13.81 -12.25 -12.35
CA VAL A 57 13.11 -13.30 -11.63
CA VAL A 57 13.04 -13.22 -11.59
C VAL A 57 13.67 -13.39 -10.22
N ILE A 58 12.79 -13.51 -9.21
CA ILE A 58 13.20 -13.66 -7.83
C ILE A 58 12.47 -14.84 -7.19
N THR A 59 12.94 -15.23 -6.01
CA THR A 59 12.31 -16.29 -5.23
C THR A 59 11.23 -15.71 -4.31
N LYS A 60 10.38 -16.60 -3.78
CA LYS A 60 9.39 -16.18 -2.81
C LYS A 60 10.05 -15.54 -1.59
N ASP A 61 11.14 -16.14 -1.08
CA ASP A 61 11.82 -15.57 0.08
C ASP A 61 12.32 -14.17 -0.23
N GLU A 62 12.85 -13.96 -1.42
CA GLU A 62 13.30 -12.63 -1.81
C GLU A 62 12.14 -11.65 -1.92
N ALA A 63 11.00 -12.08 -2.47
CA ALA A 63 9.83 -11.21 -2.52
C ALA A 63 9.36 -10.83 -1.14
N GLU A 64 9.37 -11.80 -0.22
CA GLU A 64 8.95 -11.51 1.14
C GLU A 64 9.92 -10.59 1.86
N LYS A 65 11.21 -10.68 1.53
CA LYS A 65 12.20 -9.77 2.14
C LYS A 65 11.94 -8.34 1.71
N LEU A 66 11.73 -8.11 0.42
CA LEU A 66 11.41 -6.77 -0.05
C LEU A 66 10.11 -6.28 0.57
N PHE A 67 9.11 -7.16 0.69
CA PHE A 67 7.83 -6.79 1.28
C PHE A 67 8.02 -6.32 2.73
N ASN A 68 8.77 -7.07 3.53
CA ASN A 68 8.99 -6.68 4.92
C ASN A 68 9.67 -5.32 5.00
N GLN A 69 10.66 -5.08 4.14
CA GLN A 69 11.31 -3.79 4.11
C GLN A 69 10.33 -2.70 3.74
N ASP A 70 9.48 -2.96 2.73
CA ASP A 70 8.54 -1.96 2.26
C ASP A 70 7.48 -1.61 3.30
N VAL A 71 6.97 -2.62 4.01
CA VAL A 71 6.00 -2.36 5.08
C VAL A 71 6.64 -1.50 6.17
N ASP A 72 7.84 -1.91 6.62
CA ASP A 72 8.57 -1.20 7.67
CA ASP A 72 8.50 -1.16 7.67
C ASP A 72 8.79 0.26 7.26
N ALA A 73 9.25 0.46 6.03
CA ALA A 73 9.55 1.81 5.59
C ALA A 73 8.26 2.64 5.52
N ALA A 74 7.14 2.03 5.13
CA ALA A 74 5.88 2.75 5.08
C ALA A 74 5.47 3.23 6.46
N VAL A 75 5.54 2.35 7.44
CA VAL A 75 5.16 2.72 8.80
C VAL A 75 6.08 3.82 9.31
N ARG A 76 7.40 3.63 9.14
CA ARG A 76 8.36 4.60 9.66
CA ARG A 76 8.32 4.62 9.69
C ARG A 76 8.14 5.95 8.99
N GLY A 77 7.81 5.94 7.71
CA GLY A 77 7.54 7.16 7.00
C GLY A 77 6.33 7.89 7.54
N ILE A 78 5.24 7.15 7.81
CA ILE A 78 4.07 7.75 8.45
C ILE A 78 4.47 8.46 9.74
N LEU A 79 5.27 7.80 10.55
CA LEU A 79 5.64 8.38 11.83
C LEU A 79 6.50 9.63 11.67
N ARG A 80 7.29 9.72 10.60
CA ARG A 80 8.10 10.90 10.33
C ARG A 80 7.33 12.02 9.65
N ASN A 81 6.07 11.79 9.26
CA ASN A 81 5.30 12.73 8.46
C ASN A 81 4.37 13.53 9.37
N ALA A 82 4.56 14.85 9.42
CA ALA A 82 3.81 15.67 10.35
C ALA A 82 2.32 15.72 10.04
N LYS A 83 1.93 15.42 8.81
CA LYS A 83 0.50 15.38 8.49
CA LYS A 83 0.51 15.37 8.47
C LYS A 83 -0.13 14.03 8.86
N LEU A 84 0.59 12.93 8.68
CA LEU A 84 0.02 11.60 8.85
C LEU A 84 0.18 11.05 10.25
N LYS A 85 1.23 11.40 10.97
CA LYS A 85 1.45 10.84 12.29
CA LYS A 85 1.45 10.83 12.29
C LYS A 85 0.29 11.10 13.24
N PRO A 86 -0.24 12.32 13.35
CA PRO A 86 -1.35 12.52 14.31
C PRO A 86 -2.55 11.65 13.99
N VAL A 87 -2.88 11.52 12.71
CA VAL A 87 -4.03 10.68 12.38
C VAL A 87 -3.73 9.22 12.73
N TYR A 88 -2.55 8.73 12.33
CA TYR A 88 -2.18 7.35 12.64
C TYR A 88 -2.27 7.08 14.14
N ASP A 89 -1.69 7.96 14.94
CA ASP A 89 -1.68 7.75 16.39
C ASP A 89 -3.06 7.82 17.00
N SER A 90 -4.00 8.46 16.34
CA SER A 90 -5.36 8.53 16.87
C SER A 90 -6.15 7.24 16.65
N LEU A 91 -5.70 6.38 15.75
CA LEU A 91 -6.46 5.23 15.32
C LEU A 91 -6.11 3.98 16.13
N ASP A 92 -7.07 3.06 16.19
CA ASP A 92 -6.87 1.70 16.64
C ASP A 92 -6.04 0.91 15.62
N ALA A 93 -5.55 -0.27 16.02
CA ALA A 93 -4.60 -1.02 15.18
C ALA A 93 -5.20 -1.47 13.86
N VAL A 94 -6.50 -1.77 13.80
CA VAL A 94 -7.11 -2.21 12.54
C VAL A 94 -7.15 -1.04 11.56
N ARG A 95 -7.64 0.11 12.01
CA ARG A 95 -7.65 1.28 11.15
C ARG A 95 -6.24 1.76 10.80
N ARG A 96 -5.27 1.63 11.70
CA ARG A 96 -3.89 1.91 11.36
CA ARG A 96 -3.91 1.93 11.35
C ARG A 96 -3.47 1.10 10.15
N ALA A 97 -3.86 -0.19 10.09
CA ALA A 97 -3.50 -1.02 8.94
C ALA A 97 -4.09 -0.46 7.65
N ALA A 98 -5.34 0.03 7.70
CA ALA A 98 -5.90 0.64 6.51
C ALA A 98 -5.09 1.85 6.03
N LEU A 99 -4.61 2.67 6.97
CA LEU A 99 -3.79 3.82 6.59
C LEU A 99 -2.46 3.38 6.00
N ILE A 100 -1.80 2.39 6.60
CA ILE A 100 -0.56 1.84 6.04
C ILE A 100 -0.81 1.33 4.64
N ASN A 101 -1.95 0.64 4.42
CA ASN A 101 -2.28 0.11 3.11
C ASN A 101 -2.32 1.24 2.07
N MET A 102 -3.01 2.34 2.37
CA MET A 102 -3.05 3.48 1.45
C MET A 102 -1.67 4.03 1.15
N VAL A 103 -0.84 4.19 2.18
CA VAL A 103 0.50 4.72 1.99
C VAL A 103 1.33 3.78 1.14
N PHE A 104 1.21 2.48 1.38
CA PHE A 104 1.91 1.50 0.54
C PHE A 104 1.52 1.67 -0.92
N GLN A 105 0.25 1.85 -1.21
CA GLN A 105 -0.23 1.96 -2.59
C GLN A 105 0.14 3.28 -3.25
N MET A 106 -0.06 4.40 -2.56
CA MET A 106 0.04 5.69 -3.24
CA MET A 106 -0.02 5.74 -3.17
C MET A 106 1.13 6.60 -2.70
N GLY A 107 1.82 6.21 -1.67
CA GLY A 107 2.86 7.02 -1.10
C GLY A 107 2.37 8.05 -0.11
N GLU A 108 3.31 8.60 0.65
CA GLU A 108 2.98 9.56 1.69
C GLU A 108 2.36 10.81 1.11
N THR A 109 2.97 11.37 0.05
CA THR A 109 2.43 12.58 -0.53
CA THR A 109 2.43 12.58 -0.56
C THR A 109 1.01 12.36 -1.03
N GLY A 110 0.76 11.21 -1.67
CA GLY A 110 -0.57 10.92 -2.12
C GLY A 110 -1.58 10.86 -0.99
N VAL A 111 -1.23 10.18 0.10
CA VAL A 111 -2.18 10.05 1.20
C VAL A 111 -2.37 11.38 1.90
N ALA A 112 -1.31 12.18 2.02
CA ALA A 112 -1.49 13.54 2.52
C ALA A 112 -2.47 14.36 1.67
N GLY A 113 -2.68 13.97 0.41
CA GLY A 113 -3.71 14.58 -0.45
C GLY A 113 -5.15 14.25 -0.03
N PHE A 114 -5.31 13.36 0.93
CA PHE A 114 -6.60 12.98 1.48
C PHE A 114 -6.94 13.73 2.76
N CYS A 115 -6.40 14.93 2.94
N CYS A 115 -6.42 14.94 2.95
CA CYS A 115 -6.58 15.63 4.22
CA CYS A 115 -6.56 15.54 4.27
C CYS A 115 -8.04 15.75 4.64
C CYS A 115 -8.02 15.81 4.65
N ASN A 116 -8.94 15.98 3.68
CA ASN A 116 -10.34 16.11 4.06
C ASN A 116 -10.80 14.83 4.77
N SER A 117 -10.45 13.67 4.22
CA SER A 117 -10.80 12.40 4.82
C SER A 117 -10.04 12.17 6.13
N LEU A 118 -8.76 12.54 6.15
CA LEU A 118 -7.92 12.34 7.33
C LEU A 118 -8.50 13.06 8.52
N CYS A 119 -8.95 14.31 8.33
N CYS A 119 -9.00 14.28 8.33
CA CYS A 119 -9.61 15.04 9.40
CA CYS A 119 -9.56 14.98 9.48
C CYS A 119 -10.79 14.27 9.95
C CYS A 119 -10.85 14.34 9.96
N MET A 120 -11.64 13.76 9.05
CA MET A 120 -12.82 13.02 9.48
C MET A 120 -12.45 11.75 10.25
N LEU A 121 -11.41 11.06 9.80
CA LEU A 121 -10.89 9.92 10.53
C LEU A 121 -10.41 10.32 11.91
N GLN A 122 -9.62 11.40 12.00
CA GLN A 122 -9.14 11.85 13.29
C GLN A 122 -10.29 12.17 14.23
N GLN A 123 -11.39 12.68 13.69
CA GLN A 123 -12.56 12.98 14.52
CA GLN A 123 -12.62 13.01 14.43
C GLN A 123 -13.46 11.78 14.75
N LYS A 124 -13.11 10.61 14.20
CA LYS A 124 -13.86 9.36 14.40
CA LYS A 124 -13.85 9.36 14.40
C LYS A 124 -15.28 9.47 13.88
N ARG A 125 -15.43 10.21 12.77
CA ARG A 125 -16.69 10.32 12.04
C ARG A 125 -16.63 9.30 10.92
N TRP A 126 -16.82 8.02 11.27
CA TRP A 126 -16.41 6.94 10.39
C TRP A 126 -17.22 6.87 9.10
N ASP A 127 -18.53 7.04 9.17
CA ASP A 127 -19.33 6.97 7.95
C ASP A 127 -19.05 8.16 7.06
N GLU A 128 -18.90 9.35 7.64
CA GLU A 128 -18.55 10.51 6.85
C GLU A 128 -17.19 10.34 6.18
N ALA A 129 -16.21 9.87 6.93
CA ALA A 129 -14.89 9.62 6.34
C ALA A 129 -14.99 8.66 5.18
N ALA A 130 -15.76 7.58 5.34
CA ALA A 130 -15.88 6.59 4.28
C ALA A 130 -16.49 7.20 3.02
N VAL A 131 -17.51 8.05 3.17
CA VAL A 131 -18.08 8.74 2.02
C VAL A 131 -17.02 9.61 1.32
N ASN A 132 -16.25 10.36 2.11
CA ASN A 132 -15.28 11.27 1.53
C ASN A 132 -14.14 10.52 0.85
N LEU A 133 -13.71 9.40 1.43
CA LEU A 133 -12.61 8.64 0.85
C LEU A 133 -12.92 8.16 -0.55
N ALA A 134 -14.20 7.87 -0.83
CA ALA A 134 -14.61 7.36 -2.12
C ALA A 134 -14.66 8.44 -3.19
N LYS A 135 -14.64 9.72 -2.83
CA LYS A 135 -14.62 10.81 -3.80
C LYS A 135 -13.17 11.07 -4.21
N SER A 136 -12.60 10.13 -4.97
CA SER A 136 -11.17 10.17 -5.23
C SER A 136 -10.86 9.43 -6.52
N ARG A 137 -9.75 9.83 -7.13
CA ARG A 137 -9.22 9.03 -8.23
C ARG A 137 -8.94 7.61 -7.78
N TRP A 138 -8.34 7.48 -6.60
CA TRP A 138 -8.03 6.17 -6.02
C TRP A 138 -9.22 5.21 -6.09
N TYR A 139 -10.36 5.64 -5.58
CA TYR A 139 -11.53 4.79 -5.56
CA TYR A 139 -11.55 4.80 -5.56
C TYR A 139 -11.98 4.45 -6.99
N ASN A 140 -11.99 5.43 -7.89
CA ASN A 140 -12.43 5.17 -9.24
C ASN A 140 -11.54 4.20 -9.99
N GLN A 141 -10.23 4.30 -9.79
CA GLN A 141 -9.29 3.48 -10.55
C GLN A 141 -9.11 2.09 -9.94
N THR A 142 -9.15 1.95 -8.62
CA THR A 142 -9.06 0.66 -7.95
C THR A 142 -10.23 0.51 -6.98
N PRO A 143 -11.46 0.37 -7.50
CA PRO A 143 -12.64 0.41 -6.61
C PRO A 143 -12.74 -0.78 -5.68
N ASN A 144 -12.39 -1.99 -6.12
CA ASN A 144 -12.56 -3.12 -5.22
C ASN A 144 -11.61 -3.07 -4.06
N ARG A 145 -10.35 -2.71 -4.30
CA ARG A 145 -9.40 -2.51 -3.21
C ARG A 145 -9.82 -1.35 -2.33
N ALA A 146 -10.17 -0.22 -2.95
CA ALA A 146 -10.57 0.93 -2.14
C ALA A 146 -11.77 0.59 -1.28
N LYS A 147 -12.76 -0.12 -1.82
N LYS A 147 -12.75 -0.15 -1.81
CA LYS A 147 -13.89 -0.51 -1.00
CA LYS A 147 -13.90 -0.52 -0.98
C LYS A 147 -13.45 -1.30 0.23
C LYS A 147 -13.50 -1.36 0.22
N ARG A 148 -12.52 -2.25 0.06
CA ARG A 148 -12.04 -3.02 1.22
C ARG A 148 -11.38 -2.13 2.26
N VAL A 149 -10.48 -1.25 1.81
CA VAL A 149 -9.80 -0.34 2.71
C VAL A 149 -10.81 0.56 3.41
N ILE A 150 -11.75 1.12 2.64
CA ILE A 150 -12.76 2.00 3.23
C ILE A 150 -13.62 1.26 4.25
N THR A 151 -14.05 0.02 3.96
CA THR A 151 -14.81 -0.73 4.94
C THR A 151 -14.02 -0.94 6.24
N THR A 152 -12.71 -1.11 6.11
CA THR A 152 -11.86 -1.28 7.26
C THR A 152 -11.84 0.00 8.08
N PHE A 153 -11.74 1.17 7.42
CA PHE A 153 -11.85 2.43 8.14
C PHE A 153 -13.24 2.66 8.72
N ARG A 154 -14.29 2.26 8.01
CA ARG A 154 -15.63 2.54 8.51
CA ARG A 154 -15.64 2.54 8.50
C ARG A 154 -15.94 1.72 9.76
N THR A 155 -15.54 0.46 9.77
CA THR A 155 -15.97 -0.50 10.79
C THR A 155 -14.92 -0.78 11.85
N GLY A 156 -13.65 -0.60 11.56
CA GLY A 156 -12.63 -1.03 12.48
C GLY A 156 -12.56 -2.53 12.64
N THR A 157 -13.05 -3.26 11.66
CA THR A 157 -13.01 -4.72 11.61
C THR A 157 -12.29 -5.16 10.34
N TRP A 158 -12.00 -6.46 10.30
CA TRP A 158 -11.40 -7.12 9.14
C TRP A 158 -12.44 -7.74 8.21
N ASP A 159 -13.70 -7.34 8.30
CA ASP A 159 -14.75 -8.04 7.56
C ASP A 159 -14.49 -8.06 6.06
N ALA A 160 -13.88 -7.03 5.51
CA ALA A 160 -13.68 -6.98 4.06
C ALA A 160 -12.59 -7.93 3.59
N TYR A 161 -11.81 -8.51 4.49
CA TYR A 161 -10.70 -9.38 4.14
C TYR A 161 -10.92 -10.81 4.60
N LYS A 162 -12.15 -11.10 5.06
N LYS A 162 -11.74 -11.01 5.62
CA LYS A 162 -12.51 -12.38 5.68
CA LYS A 162 -11.96 -12.35 6.13
C LYS A 162 -12.64 -13.51 4.67
C LYS A 162 -12.81 -13.08 5.10
N ASN A 163 -13.24 -13.27 3.51
N ASN A 163 -12.30 -14.23 4.63
CA ASN A 163 -13.40 -14.33 2.50
CA ASN A 163 -12.85 -15.01 3.52
C ASN A 163 -12.23 -14.40 1.53
C ASN A 163 -11.94 -14.95 2.31
N LEU A 164 -11.13 -13.73 1.80
N LEU A 164 -11.04 -13.96 2.24
CA LEU A 164 -10.09 -13.60 0.81
CA LEU A 164 -10.17 -13.78 1.08
C LEU A 164 -8.78 -14.21 1.31
C LEU A 164 -8.77 -14.37 1.28
#